data_3HLE
#
_entry.id   3HLE
#
_cell.length_a   58.062
_cell.length_b   75.321
_cell.length_c   133.026
_cell.angle_alpha   90.00
_cell.angle_beta   90.00
_cell.angle_gamma   90.00
#
_symmetry.space_group_name_H-M   'P 21 21 21'
#
loop_
_entity.id
_entity.type
_entity.pdbx_description
1 polymer Transesterase
2 non-polymer '(3R,5R)-3,5-dihydroxy-7-[(1S,2S,6R,8S,8aR)-8-hydroxy-2,6-dimethyl-1,2,6,7,8,8a-hexahydronaphthalen-1-yl]heptanoic acid'
3 non-polymer 2,3-DIHYDROXY-1,4-DITHIOBUTANE
4 water water
#
_entity_poly.entity_id   1
_entity_poly.type   'polypeptide(L)'
_entity_poly.pdbx_seq_one_letter_code
;GSSHHHHHHSSGLVPRGSHMGSIIDAAAAAGPVVLMETAFRKAVESRQIPGAVIMARDASGNLNYTRCFGARTVRRDENN
QLPPLQVDTPCRLAAATKLLTTIMVLQCMERGLVDLDETVDRLLPDLSAMPVLEGFDDAGNARLRERRGKITLRHLLTHT
SGLSYVFLHPLLREYMAQGYLQSAEKFGIQSRLAPPAVNDPGAEWIYGTNLDWAGKLVERATGLDLEQYLQENICAPLGI
TDMTFKLQQRPDMLARRADQTHRNSADGRLRYDDSVYFRADGEECFGGQGVFSSPGSYMKVLHSLLKRDGLLLQPQTVDL
MFQPALEPRLEEQMNQHMDASPHINYGGPMPMVLRRSFGLGGIIALEDLDGENWRRKGSLTFGGGPNIVWQIDPKAGLCT
LAFFQLEPWNDPVCRDLTRTFEHAIYAQYQQG
;
_entity_poly.pdbx_strand_id   A
#
loop_
_chem_comp.id
_chem_comp.type
_chem_comp.name
_chem_comp.formula
DTT non-polymer 2,3-DIHYDROXY-1,4-DITHIOBUTANE 'C4 H10 O2 S2'
MJA non-polymer '(3R,5R)-3,5-dihydroxy-7-[(1S,2S,6R,8S,8aR)-8-hydroxy-2,6-dimethyl-1,2,6,7,8,8a-hexahydronaphthalen-1-yl]heptanoic acid' 'C19 H30 O5'
#
# COMPACT_ATOMS: atom_id res chain seq x y z
N HIS A 8 58.04 10.76 -0.28
CA HIS A 8 57.19 10.19 -1.36
C HIS A 8 56.58 8.87 -0.86
N HIS A 9 56.14 8.02 -1.77
CA HIS A 9 55.33 6.85 -1.41
C HIS A 9 56.18 5.66 -0.94
N SER A 10 55.55 4.72 -0.24
CA SER A 10 56.24 3.55 0.33
C SER A 10 56.36 2.45 -0.72
N SER A 11 57.56 1.93 -0.97
CA SER A 11 57.72 0.96 -2.07
C SER A 11 56.85 -0.31 -1.86
N GLY A 12 56.11 -0.67 -2.89
CA GLY A 12 55.28 -1.87 -2.88
C GLY A 12 53.90 -1.66 -2.33
N LEU A 13 53.61 -0.48 -1.79
CA LEU A 13 52.30 -0.22 -1.17
C LEU A 13 51.53 0.87 -1.93
N VAL A 14 50.21 0.79 -1.89
CA VAL A 14 49.34 1.75 -2.55
C VAL A 14 49.42 3.12 -1.87
N PRO A 15 49.58 4.20 -2.66
CA PRO A 15 49.69 5.54 -2.08
C PRO A 15 48.36 6.10 -1.55
N ARG A 16 48.12 5.91 -0.26
CA ARG A 16 46.92 6.42 0.43
C ARG A 16 47.29 7.71 1.18
N GLY A 17 46.35 8.25 1.94
CA GLY A 17 46.63 9.38 2.82
C GLY A 17 47.60 8.99 3.93
N SER A 18 48.59 9.84 4.19
CA SER A 18 49.67 9.57 5.15
C SER A 18 49.67 10.46 6.40
N HIS A 19 48.82 11.50 6.41
CA HIS A 19 48.56 12.32 7.60
C HIS A 19 47.08 12.74 7.59
N MET A 20 46.67 13.56 8.57
CA MET A 20 45.24 13.87 8.75
C MET A 20 44.58 14.66 7.61
N GLY A 21 45.24 15.73 7.16
CA GLY A 21 44.74 16.55 6.08
C GLY A 21 44.42 15.76 4.80
N SER A 22 45.37 14.92 4.40
CA SER A 22 45.27 14.19 3.12
C SER A 22 44.42 12.91 3.19
N ILE A 23 43.98 12.52 4.38
CA ILE A 23 43.03 11.40 4.53
C ILE A 23 41.58 11.90 4.45
N ILE A 24 41.34 13.14 4.89
CA ILE A 24 40.02 13.78 4.76
C ILE A 24 39.71 14.08 3.28
N ASP A 25 40.75 14.40 2.51
CA ASP A 25 40.62 14.70 1.07
C ASP A 25 40.33 13.45 0.23
N ALA A 26 41.07 12.37 0.51
CA ALA A 26 41.03 11.12 -0.26
C ALA A 26 39.62 10.55 -0.49
N ALA A 27 38.71 10.82 0.45
CA ALA A 27 37.29 10.50 0.27
C ALA A 27 36.48 11.79 0.18
N ALA A 28 35.61 11.89 -0.81
CA ALA A 28 34.75 13.06 -0.99
C ALA A 28 33.62 13.06 0.04
N ALA A 29 32.89 14.18 0.12
CA ALA A 29 31.86 14.37 1.15
C ALA A 29 30.65 13.43 0.98
N ALA A 30 29.81 13.40 2.01
CA ALA A 30 28.65 12.52 2.07
C ALA A 30 27.50 13.02 1.19
N GLY A 31 27.11 12.20 0.22
CA GLY A 31 25.98 12.52 -0.64
C GLY A 31 24.64 12.33 0.08
N PRO A 32 23.55 12.70 -0.58
CA PRO A 32 22.21 12.62 0.02
C PRO A 32 21.82 11.23 0.52
N VAL A 33 22.17 10.17 -0.22
CA VAL A 33 21.79 8.81 0.17
C VAL A 33 22.53 8.33 1.44
N VAL A 34 23.83 8.58 1.51
CA VAL A 34 24.61 8.26 2.72
C VAL A 34 24.04 8.98 3.94
N LEU A 35 23.73 10.27 3.81
CA LEU A 35 23.19 11.03 4.93
C LEU A 35 21.81 10.50 5.37
N MET A 36 20.99 10.12 4.40
CA MET A 36 19.69 9.55 4.67
C MET A 36 19.81 8.23 5.41
N GLU A 37 20.76 7.38 5.00
CA GLU A 37 20.94 6.09 5.66
C GLU A 37 21.28 6.32 7.13
N THR A 38 22.12 7.31 7.40
CA THR A 38 22.47 7.66 8.79
C THR A 38 21.26 8.02 9.63
N ALA A 39 20.33 8.76 9.04
CA ALA A 39 19.06 9.10 9.68
C ALA A 39 18.22 7.85 10.00
N PHE A 40 18.17 6.87 9.09
CA PHE A 40 17.48 5.61 9.41
C PHE A 40 18.19 4.86 10.55
N ARG A 41 19.51 4.80 10.49
CA ARG A 41 20.29 4.09 11.52
C ARG A 41 20.09 4.72 12.89
N LYS A 42 20.08 6.05 12.93
CA LYS A 42 19.84 6.79 14.18
C LYS A 42 18.44 6.57 14.72
N ALA A 43 17.46 6.45 13.83
CA ALA A 43 16.09 6.23 14.28
C ALA A 43 15.92 4.83 14.90
N VAL A 44 16.60 3.83 14.35
CA VAL A 44 16.66 2.51 14.99
C VAL A 44 17.44 2.57 16.31
N GLU A 45 18.63 3.20 16.27
CA GLU A 45 19.51 3.29 17.46
C GLU A 45 18.82 3.98 18.63
N SER A 46 18.08 5.04 18.36
CA SER A 46 17.37 5.78 19.41
C SER A 46 15.99 5.20 19.75
N ARG A 47 15.67 4.05 19.17
CA ARG A 47 14.42 3.33 19.44
C ARG A 47 13.16 4.11 19.00
N GLN A 48 13.30 4.96 17.99
CA GLN A 48 12.14 5.66 17.42
C GLN A 48 11.32 4.77 16.48
N ILE A 49 11.99 3.87 15.76
CA ILE A 49 11.34 2.82 14.96
C ILE A 49 11.93 1.44 15.30
N PRO A 50 11.18 0.35 15.04
CA PRO A 50 11.74 -1.01 15.17
C PRO A 50 12.68 -1.33 14.02
N GLY A 51 12.22 -1.04 12.79
CA GLY A 51 13.06 -1.10 11.63
C GLY A 51 12.36 -0.69 10.35
N ALA A 52 13.05 -0.81 9.22
CA ALA A 52 12.50 -0.43 7.93
C ALA A 52 13.26 -1.10 6.81
N VAL A 53 12.58 -1.29 5.69
CA VAL A 53 13.22 -1.67 4.44
C VAL A 53 12.86 -0.63 3.40
N ILE A 54 13.87 -0.09 2.72
CA ILE A 54 13.65 0.88 1.66
C ILE A 54 14.24 0.34 0.36
N MET A 55 13.52 0.54 -0.74
CA MET A 55 13.95 -0.02 -2.03
C MET A 55 13.61 0.93 -3.14
N ALA A 56 14.51 1.00 -4.12
CA ALA A 56 14.29 1.83 -5.29
C ALA A 56 14.87 1.13 -6.51
N ARG A 57 14.12 1.19 -7.60
CA ARG A 57 14.57 0.65 -8.88
C ARG A 57 14.20 1.54 -10.06
N ASP A 58 15.04 1.50 -11.09
CA ASP A 58 14.70 2.05 -12.40
C ASP A 58 14.53 0.89 -13.39
N ALA A 59 14.16 1.20 -14.62
CA ALA A 59 13.96 0.17 -15.64
C ALA A 59 15.27 -0.42 -16.15
N SER A 60 16.31 0.40 -16.25
CA SER A 60 17.57 -0.04 -16.88
C SER A 60 18.34 -1.08 -16.06
N GLY A 61 18.12 -1.11 -14.75
CA GLY A 61 18.95 -1.94 -13.86
C GLY A 61 20.12 -1.18 -13.22
N ASN A 62 20.42 0.02 -13.71
CA ASN A 62 21.51 0.81 -13.11
C ASN A 62 21.21 1.28 -11.69
N LEU A 63 19.91 1.41 -11.37
CA LEU A 63 19.48 1.66 -9.99
C LEU A 63 18.82 0.40 -9.45
N ASN A 64 19.46 -0.20 -8.48
CA ASN A 64 18.92 -1.38 -7.79
C ASN A 64 19.36 -1.27 -6.34
N TYR A 65 18.59 -0.50 -5.58
CA TYR A 65 18.98 -0.08 -4.25
C TYR A 65 18.02 -0.70 -3.23
N THR A 66 18.58 -1.41 -2.27
CA THR A 66 17.83 -2.01 -1.17
C THR A 66 18.61 -1.84 0.11
N ARG A 67 17.97 -1.32 1.14
CA ARG A 67 18.59 -1.22 2.45
C ARG A 67 17.61 -1.65 3.52
N CYS A 68 18.12 -2.37 4.51
CA CYS A 68 17.31 -2.91 5.61
C CYS A 68 17.91 -2.41 6.89
N PHE A 69 17.05 -1.92 7.79
CA PHE A 69 17.48 -1.35 9.06
C PHE A 69 16.68 -1.99 10.18
N GLY A 70 17.35 -2.26 11.28
CA GLY A 70 16.67 -2.62 12.51
C GLY A 70 16.00 -3.98 12.48
N ALA A 71 14.98 -4.10 13.31
CA ALA A 71 14.36 -5.35 13.70
C ALA A 71 13.00 -5.51 13.08
N ARG A 72 12.59 -6.77 12.95
CA ARG A 72 11.25 -7.12 12.49
C ARG A 72 10.23 -7.27 13.62
N THR A 73 10.61 -6.86 14.83
CA THR A 73 9.77 -7.01 16.01
C THR A 73 10.40 -6.24 17.17
N VAL A 74 9.64 -6.02 18.23
CA VAL A 74 10.21 -5.55 19.50
C VAL A 74 10.33 -6.69 20.52
N ARG A 75 9.97 -7.90 20.14
CA ARG A 75 10.05 -9.07 21.03
C ARG A 75 11.37 -9.80 20.84
N ARG A 76 12.05 -10.08 21.93
CA ARG A 76 13.35 -10.73 21.86
C ARG A 76 13.19 -12.22 21.60
N ASP A 77 14.09 -12.78 20.80
CA ASP A 77 13.96 -14.17 20.35
C ASP A 77 14.55 -15.14 21.38
N GLU A 78 14.69 -16.41 20.98
CA GLU A 78 15.20 -17.43 21.87
C GLU A 78 16.65 -17.18 22.36
N ASN A 79 17.40 -16.34 21.67
CA ASN A 79 18.79 -16.05 22.10
C ASN A 79 18.90 -14.65 22.73
N ASN A 80 17.75 -14.05 23.05
CA ASN A 80 17.67 -12.72 23.65
C ASN A 80 18.07 -11.59 22.69
N GLN A 81 17.97 -11.84 21.38
CA GLN A 81 18.30 -10.87 20.35
C GLN A 81 17.04 -10.37 19.66
N LEU A 82 17.16 -9.25 18.96
CA LEU A 82 16.05 -8.74 18.18
C LEU A 82 16.31 -9.07 16.71
N PRO A 83 15.53 -10.02 16.14
CA PRO A 83 15.89 -10.49 14.80
C PRO A 83 15.70 -9.40 13.74
N PRO A 84 16.52 -9.42 12.69
CA PRO A 84 16.52 -8.32 11.72
C PRO A 84 15.33 -8.29 10.77
N LEU A 85 14.92 -7.10 10.37
CA LEU A 85 13.98 -6.94 9.25
C LEU A 85 14.80 -7.05 7.98
N GLN A 86 14.45 -8.03 7.13
CA GLN A 86 15.17 -8.31 5.89
C GLN A 86 14.31 -8.09 4.65
N VAL A 87 14.98 -8.02 3.51
CA VAL A 87 14.30 -7.86 2.21
C VAL A 87 13.34 -9.02 1.95
N ASP A 88 13.62 -10.19 2.51
CA ASP A 88 12.72 -11.33 2.31
C ASP A 88 11.83 -11.65 3.54
N THR A 89 11.74 -10.74 4.51
CA THR A 89 10.89 -10.96 5.67
C THR A 89 9.41 -10.85 5.29
N PRO A 90 8.61 -11.88 5.60
CA PRO A 90 7.18 -11.77 5.36
C PRO A 90 6.52 -10.71 6.24
N CYS A 91 5.87 -9.76 5.58
CA CYS A 91 5.22 -8.63 6.22
C CYS A 91 3.74 -8.56 5.88
N ARG A 92 2.99 -7.96 6.79
CA ARG A 92 1.59 -7.63 6.58
C ARG A 92 1.46 -6.44 5.62
N LEU A 93 0.83 -6.64 4.47
CA LEU A 93 0.68 -5.54 3.49
C LEU A 93 -0.47 -4.60 3.80
N ALA A 94 -1.51 -5.13 4.44
CA ALA A 94 -2.77 -4.41 4.60
C ALA A 94 -3.19 -3.81 3.24
N ALA A 95 -3.54 -2.53 3.19
CA ALA A 95 -4.10 -1.94 1.95
C ALA A 95 -3.11 -1.89 0.76
N ALA A 96 -1.83 -2.18 0.99
CA ALA A 96 -0.91 -2.39 -0.15
C ALA A 96 -1.31 -3.63 -0.98
N THR A 97 -2.17 -4.48 -0.43
CA THR A 97 -2.82 -5.55 -1.20
C THR A 97 -3.68 -5.02 -2.36
N LYS A 98 -4.23 -3.81 -2.23
CA LYS A 98 -5.17 -3.28 -3.21
C LYS A 98 -4.59 -3.17 -4.61
N LEU A 99 -3.31 -2.82 -4.72
CA LEU A 99 -2.65 -2.81 -6.00
C LEU A 99 -2.65 -4.21 -6.65
N LEU A 100 -2.37 -5.22 -5.86
CA LEU A 100 -2.35 -6.60 -6.35
C LEU A 100 -3.74 -7.01 -6.87
N THR A 101 -4.76 -6.71 -6.09
CA THR A 101 -6.13 -7.06 -6.49
C THR A 101 -6.57 -6.30 -7.73
N THR A 102 -6.19 -5.02 -7.82
CA THR A 102 -6.40 -4.23 -9.04
C THR A 102 -5.78 -4.88 -10.28
N ILE A 103 -4.56 -5.35 -10.15
CA ILE A 103 -3.89 -6.08 -11.23
C ILE A 103 -4.66 -7.34 -11.60
N MET A 104 -5.13 -8.09 -10.61
CA MET A 104 -5.87 -9.32 -10.90
C MET A 104 -7.15 -9.01 -11.69
N VAL A 105 -7.86 -7.95 -11.29
CA VAL A 105 -9.05 -7.52 -12.03
C VAL A 105 -8.73 -7.15 -13.46
N LEU A 106 -7.63 -6.42 -13.66
CA LEU A 106 -7.28 -5.98 -15.01
C LEU A 106 -6.88 -7.16 -15.89
N GLN A 107 -6.25 -8.17 -15.31
CA GLN A 107 -5.99 -9.41 -16.04
C GLN A 107 -7.28 -10.09 -16.49
N CYS A 108 -8.31 -10.10 -15.64
CA CYS A 108 -9.62 -10.65 -16.02
C CYS A 108 -10.19 -9.87 -17.20
N MET A 109 -10.02 -8.56 -17.17
CA MET A 109 -10.48 -7.71 -18.25
C MET A 109 -9.74 -8.07 -19.54
N GLU A 110 -8.43 -8.25 -19.46
CA GLU A 110 -7.60 -8.57 -20.63
C GLU A 110 -8.01 -9.89 -21.28
N ARG A 111 -8.41 -10.85 -20.47
CA ARG A 111 -8.79 -12.19 -20.95
C ARG A 111 -10.27 -12.28 -21.34
N GLY A 112 -10.95 -11.15 -21.39
CA GLY A 112 -12.34 -11.12 -21.82
C GLY A 112 -13.33 -11.69 -20.81
N LEU A 113 -12.94 -11.77 -19.54
CA LEU A 113 -13.85 -12.29 -18.53
C LEU A 113 -14.79 -11.20 -18.01
N VAL A 114 -14.35 -9.95 -18.08
CA VAL A 114 -15.16 -8.84 -17.60
C VAL A 114 -14.85 -7.58 -18.40
N ASP A 115 -15.79 -6.64 -18.33
CA ASP A 115 -15.65 -5.34 -18.94
C ASP A 115 -15.69 -4.32 -17.81
N LEU A 116 -14.83 -3.30 -17.86
CA LEU A 116 -14.71 -2.37 -16.73
C LEU A 116 -15.97 -1.55 -16.51
N ASP A 117 -16.73 -1.29 -17.59
CA ASP A 117 -17.92 -0.44 -17.48
C ASP A 117 -19.21 -1.26 -17.37
N GLU A 118 -19.08 -2.58 -17.23
CA GLU A 118 -20.21 -3.47 -17.03
C GLU A 118 -20.72 -3.36 -15.60
N THR A 119 -22.02 -3.47 -15.38
CA THR A 119 -22.54 -3.45 -14.02
C THR A 119 -22.10 -4.71 -13.29
N VAL A 120 -22.00 -4.61 -11.97
CA VAL A 120 -21.54 -5.70 -11.13
C VAL A 120 -22.63 -6.74 -10.85
N ASP A 121 -23.86 -6.47 -11.31
CA ASP A 121 -25.02 -7.29 -10.97
C ASP A 121 -24.83 -8.76 -11.35
N ARG A 122 -24.23 -9.01 -12.52
CA ARG A 122 -24.02 -10.38 -13.00
C ARG A 122 -23.15 -11.20 -12.05
N LEU A 123 -21.99 -10.68 -11.67
CA LEU A 123 -21.08 -11.45 -10.80
C LEU A 123 -21.25 -11.17 -9.31
N LEU A 124 -21.78 -10.00 -8.96
CA LEU A 124 -21.96 -9.62 -7.57
C LEU A 124 -23.40 -9.19 -7.28
N PRO A 125 -24.36 -10.13 -7.46
CA PRO A 125 -25.76 -9.78 -7.18
C PRO A 125 -25.97 -9.51 -5.69
N ASP A 126 -25.11 -10.08 -4.85
CA ASP A 126 -25.14 -9.84 -3.41
C ASP A 126 -24.74 -8.40 -3.09
N LEU A 127 -23.84 -7.81 -3.87
CA LEU A 127 -23.53 -6.38 -3.70
C LEU A 127 -24.65 -5.53 -4.28
N SER A 128 -25.11 -5.87 -5.48
CA SER A 128 -26.15 -5.09 -6.15
C SER A 128 -27.41 -4.96 -5.33
N ALA A 129 -27.73 -6.00 -4.57
CA ALA A 129 -28.93 -6.02 -3.73
C ALA A 129 -28.82 -5.17 -2.46
N MET A 130 -27.61 -4.72 -2.10
CA MET A 130 -27.42 -4.01 -0.82
C MET A 130 -27.91 -2.56 -0.90
N PRO A 131 -28.57 -2.10 0.17
CA PRO A 131 -29.14 -0.76 0.15
C PRO A 131 -28.11 0.33 0.49
N VAL A 132 -28.53 1.58 0.35
CA VAL A 132 -27.76 2.75 0.75
C VAL A 132 -28.27 3.27 2.10
N LEU A 133 -27.38 3.44 3.06
CA LEU A 133 -27.71 3.99 4.38
C LEU A 133 -27.72 5.51 4.27
N GLU A 134 -28.91 6.08 4.31
CA GLU A 134 -29.12 7.51 4.07
C GLU A 134 -28.97 8.31 5.35
N GLY A 135 -29.25 7.68 6.48
CA GLY A 135 -29.12 8.32 7.79
C GLY A 135 -29.99 7.62 8.83
N PHE A 136 -30.32 8.36 9.87
CA PHE A 136 -31.15 7.86 10.96
C PHE A 136 -32.19 8.93 11.31
N ASP A 137 -33.45 8.54 11.41
CA ASP A 137 -34.51 9.49 11.78
C ASP A 137 -34.38 9.94 13.24
N ASP A 138 -35.26 10.84 13.67
CA ASP A 138 -35.30 11.29 15.07
C ASP A 138 -35.71 10.17 16.02
N ALA A 139 -36.45 9.19 15.51
CA ALA A 139 -36.76 7.96 16.26
C ALA A 139 -35.50 7.15 16.59
N GLY A 140 -34.46 7.29 15.75
CA GLY A 140 -33.16 6.67 16.00
C GLY A 140 -32.86 5.43 15.17
N ASN A 141 -33.84 5.02 14.35
CA ASN A 141 -33.70 3.81 13.53
C ASN A 141 -33.05 4.11 12.19
N ALA A 142 -32.40 3.10 11.61
CA ALA A 142 -31.71 3.24 10.34
C ALA A 142 -32.68 3.55 9.20
N ARG A 143 -32.31 4.50 8.34
CA ARG A 143 -33.09 4.84 7.17
C ARG A 143 -32.35 4.33 5.93
N LEU A 144 -32.80 3.20 5.40
CA LEU A 144 -32.17 2.56 4.25
C LEU A 144 -33.02 2.82 3.02
N ARG A 145 -32.36 2.87 1.86
CA ARG A 145 -33.04 3.05 0.59
C ARG A 145 -32.33 2.35 -0.55
N GLU A 146 -33.03 2.28 -1.67
CA GLU A 146 -32.51 1.65 -2.86
C GLU A 146 -31.45 2.56 -3.50
N ARG A 147 -30.41 1.93 -4.02
CA ARG A 147 -29.36 2.64 -4.75
C ARG A 147 -29.90 3.27 -6.03
N ARG A 148 -29.39 4.45 -6.38
CA ARG A 148 -29.70 5.07 -7.68
C ARG A 148 -28.51 4.91 -8.62
N GLY A 149 -28.74 4.24 -9.76
CA GLY A 149 -27.67 3.92 -10.71
C GLY A 149 -27.00 2.62 -10.32
N LYS A 150 -26.20 2.05 -11.22
CA LYS A 150 -25.59 0.75 -10.99
C LYS A 150 -24.11 0.89 -10.67
N ILE A 151 -23.59 0.04 -9.80
CA ILE A 151 -22.15 -0.02 -9.55
C ILE A 151 -21.52 -0.79 -10.70
N THR A 152 -20.47 -0.23 -11.29
CA THR A 152 -19.67 -0.92 -12.29
C THR A 152 -18.34 -1.34 -11.69
N LEU A 153 -17.62 -2.20 -12.39
CA LEU A 153 -16.29 -2.59 -11.96
C LEU A 153 -15.34 -1.39 -11.82
N ARG A 154 -15.48 -0.40 -12.71
CA ARG A 154 -14.62 0.78 -12.66
C ARG A 154 -14.92 1.64 -11.43
N HIS A 155 -16.16 1.63 -10.96
CA HIS A 155 -16.48 2.27 -9.69
C HIS A 155 -15.69 1.63 -8.53
N LEU A 156 -15.61 0.29 -8.55
CA LEU A 156 -14.91 -0.43 -7.48
C LEU A 156 -13.42 -0.10 -7.50
N LEU A 157 -12.82 -0.10 -8.68
CA LEU A 157 -11.39 0.16 -8.83
C LEU A 157 -10.99 1.60 -8.50
N THR A 158 -11.92 2.54 -8.60
CA THR A 158 -11.62 3.94 -8.34
C THR A 158 -12.16 4.45 -6.99
N HIS A 159 -12.74 3.56 -6.18
CA HIS A 159 -13.40 3.91 -4.92
C HIS A 159 -14.51 4.96 -5.08
N THR A 160 -15.35 4.78 -6.11
CA THR A 160 -16.46 5.72 -6.36
C THR A 160 -17.81 5.00 -6.35
N SER A 161 -17.85 3.83 -5.73
CA SER A 161 -19.04 2.98 -5.70
C SER A 161 -20.11 3.39 -4.68
N GLY A 162 -19.72 4.16 -3.68
CA GLY A 162 -20.58 4.49 -2.56
C GLY A 162 -20.24 3.72 -1.30
N LEU A 163 -19.36 2.73 -1.43
CA LEU A 163 -18.93 1.93 -0.28
C LEU A 163 -17.89 2.71 0.53
N SER A 164 -17.92 2.51 1.85
CA SER A 164 -16.95 3.10 2.76
C SER A 164 -16.37 1.99 3.66
N TYR A 165 -15.69 2.39 4.72
CA TYR A 165 -15.24 1.47 5.75
C TYR A 165 -15.95 1.88 7.04
N VAL A 166 -16.31 0.91 7.85
CA VAL A 166 -17.03 1.19 9.09
C VAL A 166 -16.22 2.10 10.00
N PHE A 167 -14.91 1.83 10.10
CA PHE A 167 -14.04 2.60 10.98
C PHE A 167 -13.77 4.04 10.53
N LEU A 168 -14.27 4.42 9.35
CA LEU A 168 -14.04 5.76 8.80
C LEU A 168 -15.27 6.66 8.71
N HIS A 169 -16.45 6.09 8.50
CA HIS A 169 -17.65 6.87 8.22
C HIS A 169 -18.57 6.90 9.44
N PRO A 170 -19.03 8.10 9.84
CA PRO A 170 -19.84 8.24 11.04
C PRO A 170 -21.18 7.51 10.99
N LEU A 171 -21.84 7.54 9.83
CA LEU A 171 -23.10 6.82 9.65
C LEU A 171 -22.89 5.33 9.93
N LEU A 172 -21.82 4.78 9.37
CA LEU A 172 -21.50 3.36 9.58
C LEU A 172 -21.08 3.08 11.02
N ARG A 173 -20.35 4.00 11.65
CA ARG A 173 -20.00 3.85 13.06
C ARG A 173 -21.25 3.80 13.94
N GLU A 174 -22.24 4.63 13.65
CA GLU A 174 -23.53 4.58 14.35
C GLU A 174 -24.31 3.31 14.00
N TYR A 175 -24.16 2.86 12.76
CA TYR A 175 -24.79 1.61 12.32
C TYR A 175 -24.32 0.44 13.19
N MET A 176 -23.01 0.34 13.40
CA MET A 176 -22.47 -0.70 14.28
C MET A 176 -22.92 -0.49 15.73
N ALA A 177 -22.84 0.77 16.19
CA ALA A 177 -23.23 1.13 17.56
C ALA A 177 -24.65 0.68 17.91
N GLN A 178 -25.57 0.83 16.96
CA GLN A 178 -26.97 0.40 17.14
C GLN A 178 -27.13 -1.13 17.10
N GLY A 179 -26.08 -1.84 16.73
CA GLY A 179 -26.05 -3.30 16.79
C GLY A 179 -26.65 -3.96 15.56
N TYR A 180 -26.18 -3.54 14.38
CA TYR A 180 -26.60 -4.16 13.13
C TYR A 180 -25.52 -5.08 12.55
N LEU A 181 -24.30 -5.01 13.07
CA LEU A 181 -23.15 -5.71 12.48
C LEU A 181 -22.36 -6.49 13.54
N GLN A 182 -23.04 -7.41 14.23
CA GLN A 182 -22.43 -8.24 15.27
C GLN A 182 -22.24 -9.70 14.85
N SER A 183 -23.19 -10.22 14.07
CA SER A 183 -23.18 -11.63 13.63
C SER A 183 -22.22 -11.91 12.47
N ALA A 184 -21.71 -10.85 11.86
CA ALA A 184 -20.93 -10.96 10.63
C ALA A 184 -19.49 -11.47 10.85
N GLU A 185 -18.84 -11.01 11.92
CA GLU A 185 -17.41 -11.27 12.13
C GLU A 185 -17.06 -12.73 12.43
N LYS A 186 -15.79 -13.09 12.20
CA LYS A 186 -15.27 -14.44 12.47
C LYS A 186 -13.79 -14.41 12.84
N PHE A 187 -13.46 -15.00 13.99
CA PHE A 187 -12.08 -15.04 14.54
C PHE A 187 -11.48 -13.66 14.83
N GLY A 188 -12.32 -12.66 15.12
CA GLY A 188 -11.84 -11.31 15.46
C GLY A 188 -11.64 -10.37 14.29
N ILE A 189 -11.81 -10.87 13.06
CA ILE A 189 -11.75 -10.05 11.85
C ILE A 189 -13.18 -9.72 11.42
N GLN A 190 -13.45 -8.44 11.14
CA GLN A 190 -14.80 -8.02 10.73
C GLN A 190 -15.17 -8.53 9.34
N SER A 191 -16.43 -8.92 9.18
CA SER A 191 -16.98 -9.23 7.86
C SER A 191 -17.00 -7.96 7.02
N ARG A 192 -16.05 -7.87 6.10
CA ARG A 192 -15.91 -6.70 5.26
C ARG A 192 -17.07 -6.48 4.27
N LEU A 193 -17.97 -7.46 4.12
CA LEU A 193 -19.00 -7.40 3.07
C LEU A 193 -20.43 -7.03 3.54
N ALA A 194 -20.67 -7.03 4.85
CA ALA A 194 -22.03 -6.81 5.39
C ALA A 194 -22.57 -5.36 5.38
N PRO A 195 -21.74 -4.35 5.72
CA PRO A 195 -22.28 -2.98 5.86
C PRO A 195 -22.92 -2.42 4.58
N PRO A 196 -23.94 -1.57 4.73
CA PRO A 196 -24.53 -0.94 3.55
C PRO A 196 -23.61 0.14 2.97
N ALA A 197 -23.91 0.57 1.75
CA ALA A 197 -23.22 1.70 1.12
C ALA A 197 -23.71 3.01 1.76
N VAL A 198 -22.94 4.08 1.62
CA VAL A 198 -23.30 5.40 2.19
C VAL A 198 -23.56 6.45 1.11
N ASN A 199 -23.43 6.07 -0.16
CA ASN A 199 -23.82 6.93 -1.26
C ASN A 199 -24.10 6.09 -2.49
N ASP A 200 -24.56 6.74 -3.55
CA ASP A 200 -24.78 6.10 -4.84
C ASP A 200 -23.48 6.08 -5.65
N PRO A 201 -23.35 5.13 -6.59
CA PRO A 201 -22.15 5.07 -7.39
C PRO A 201 -21.96 6.32 -8.22
N GLY A 202 -20.72 6.78 -8.36
CA GLY A 202 -20.45 8.01 -9.10
C GLY A 202 -20.65 9.30 -8.34
N ALA A 203 -21.22 9.26 -7.14
CA ALA A 203 -21.53 10.48 -6.38
C ALA A 203 -20.28 11.10 -5.76
N GLU A 204 -19.42 10.28 -5.16
CA GLU A 204 -18.18 10.78 -4.56
C GLU A 204 -17.09 9.72 -4.43
N TRP A 205 -15.85 10.19 -4.34
CA TRP A 205 -14.73 9.34 -3.99
C TRP A 205 -14.81 9.07 -2.50
N ILE A 206 -14.87 7.79 -2.14
CA ILE A 206 -14.91 7.37 -0.74
C ILE A 206 -14.06 6.11 -0.59
N TYR A 207 -13.06 6.19 0.29
CA TYR A 207 -12.19 5.05 0.56
C TYR A 207 -13.02 3.94 1.18
N GLY A 208 -13.07 2.79 0.52
CA GLY A 208 -13.92 1.70 1.03
C GLY A 208 -13.49 0.30 0.69
N THR A 209 -14.39 -0.64 0.95
CA THR A 209 -14.18 -2.07 0.81
C THR A 209 -14.29 -2.54 -0.66
N ASN A 210 -14.09 -1.61 -1.59
CA ASN A 210 -14.21 -1.86 -3.01
C ASN A 210 -13.39 -3.03 -3.52
N LEU A 211 -12.16 -3.17 -3.01
CA LEU A 211 -11.27 -4.23 -3.50
C LEU A 211 -11.59 -5.60 -2.87
N ASP A 212 -12.24 -5.62 -1.72
CA ASP A 212 -12.80 -6.87 -1.17
C ASP A 212 -13.86 -7.45 -2.12
N TRP A 213 -14.74 -6.57 -2.60
CA TRP A 213 -15.73 -6.95 -3.60
C TRP A 213 -15.10 -7.29 -4.96
N ALA A 214 -14.10 -6.52 -5.36
CA ALA A 214 -13.44 -6.80 -6.63
C ALA A 214 -12.73 -8.15 -6.59
N GLY A 215 -12.14 -8.50 -5.45
CA GLY A 215 -11.57 -9.83 -5.25
C GLY A 215 -12.60 -10.94 -5.42
N LYS A 216 -13.79 -10.76 -4.85
CA LYS A 216 -14.88 -11.74 -5.02
C LYS A 216 -15.23 -11.87 -6.49
N LEU A 217 -15.25 -10.75 -7.20
CA LEU A 217 -15.56 -10.75 -8.61
C LEU A 217 -14.56 -11.58 -9.39
N VAL A 218 -13.27 -11.47 -9.06
CA VAL A 218 -12.22 -12.27 -9.71
C VAL A 218 -12.41 -13.77 -9.46
N GLU A 219 -12.73 -14.11 -8.21
CA GLU A 219 -12.92 -15.51 -7.85
C GLU A 219 -14.08 -16.11 -8.63
N ARG A 220 -15.16 -15.34 -8.74
CA ARG A 220 -16.36 -15.79 -9.43
C ARG A 220 -16.19 -15.82 -10.95
N ALA A 221 -15.49 -14.84 -11.52
CA ALA A 221 -15.22 -14.83 -12.95
C ALA A 221 -14.27 -15.95 -13.39
N THR A 222 -13.33 -16.33 -12.53
CA THR A 222 -12.32 -17.30 -12.91
C THR A 222 -12.61 -18.72 -12.45
N GLY A 223 -13.49 -18.87 -11.46
CA GLY A 223 -13.70 -20.16 -10.78
C GLY A 223 -12.55 -20.57 -9.86
N LEU A 224 -11.58 -19.69 -9.65
CA LEU A 224 -10.49 -19.97 -8.72
C LEU A 224 -10.65 -19.15 -7.44
N ASP A 225 -10.13 -19.66 -6.34
CA ASP A 225 -10.05 -18.84 -5.13
C ASP A 225 -8.89 -17.84 -5.32
N LEU A 226 -8.95 -16.72 -4.61
CA LEU A 226 -7.98 -15.65 -4.84
C LEU A 226 -6.54 -16.07 -4.60
N GLU A 227 -6.32 -16.93 -3.61
CA GLU A 227 -4.98 -17.45 -3.35
C GLU A 227 -4.41 -18.17 -4.58
N GLN A 228 -5.19 -19.09 -5.16
CA GLN A 228 -4.72 -19.82 -6.34
C GLN A 228 -4.49 -18.88 -7.51
N TYR A 229 -5.41 -17.92 -7.70
CA TYR A 229 -5.30 -16.98 -8.80
C TYR A 229 -4.05 -16.11 -8.64
N LEU A 230 -3.82 -15.62 -7.42
CA LEU A 230 -2.62 -14.88 -7.07
C LEU A 230 -1.36 -15.67 -7.44
N GLN A 231 -1.30 -16.92 -7.01
CA GLN A 231 -0.09 -17.73 -7.22
C GLN A 231 0.20 -17.93 -8.70
N GLU A 232 -0.84 -18.25 -9.47
CA GLU A 232 -0.68 -18.59 -10.89
C GLU A 232 -0.43 -17.34 -11.76
N ASN A 233 -0.96 -16.19 -11.36
CA ASN A 233 -1.00 -15.04 -12.26
C ASN A 233 -0.19 -13.81 -11.86
N ILE A 234 0.27 -13.77 -10.62
CA ILE A 234 1.18 -12.70 -10.17
C ILE A 234 2.51 -13.28 -9.68
N CYS A 235 2.45 -14.28 -8.81
CA CYS A 235 3.65 -14.83 -8.21
C CYS A 235 4.48 -15.64 -9.20
N ALA A 236 3.85 -16.61 -9.87
CA ALA A 236 4.57 -17.51 -10.76
C ALA A 236 5.35 -16.78 -11.87
N PRO A 237 4.71 -15.84 -12.59
CA PRO A 237 5.47 -15.20 -13.67
C PRO A 237 6.59 -14.26 -13.23
N LEU A 238 6.62 -13.87 -11.95
CA LEU A 238 7.69 -13.04 -11.41
C LEU A 238 8.69 -13.83 -10.58
N GLY A 239 8.49 -15.15 -10.47
CA GLY A 239 9.34 -15.98 -9.61
C GLY A 239 9.22 -15.69 -8.12
N ILE A 240 8.05 -15.22 -7.69
CA ILE A 240 7.81 -14.93 -6.27
C ILE A 240 7.33 -16.22 -5.57
N THR A 241 7.93 -16.59 -4.44
CA THR A 241 7.45 -17.77 -3.69
C THR A 241 7.04 -17.41 -2.26
N ASP A 242 6.91 -16.10 -2.01
CA ASP A 242 6.85 -15.44 -0.70
C ASP A 242 5.63 -14.53 -0.53
N MET A 243 4.55 -14.76 -1.27
CA MET A 243 3.43 -13.83 -1.30
C MET A 243 2.15 -14.67 -1.23
N THR A 244 1.33 -14.42 -0.21
CA THR A 244 0.19 -15.29 0.09
C THR A 244 -0.92 -14.61 0.90
N PHE A 245 -2.15 -15.06 0.68
CA PHE A 245 -3.28 -14.76 1.58
C PHE A 245 -3.32 -15.72 2.76
N LYS A 246 -2.59 -16.84 2.68
CA LYS A 246 -2.76 -17.96 3.61
C LYS A 246 -1.48 -18.22 4.41
N LEU A 247 -1.09 -17.24 5.20
CA LEU A 247 0.15 -17.28 5.95
C LEU A 247 0.22 -18.50 6.88
N GLN A 248 -0.91 -18.84 7.52
CA GLN A 248 -0.96 -19.96 8.46
C GLN A 248 -0.68 -21.31 7.81
N GLN A 249 -0.85 -21.40 6.48
CA GLN A 249 -0.53 -22.63 5.75
C GLN A 249 0.89 -22.64 5.21
N ARG A 250 1.70 -21.65 5.58
CA ARG A 250 3.09 -21.56 5.16
C ARG A 250 4.03 -21.47 6.38
N PRO A 251 4.35 -22.62 7.01
CA PRO A 251 5.15 -22.62 8.25
C PRO A 251 6.54 -21.99 8.12
N ASP A 252 7.13 -22.06 6.93
CA ASP A 252 8.41 -21.42 6.65
C ASP A 252 8.30 -19.89 6.69
N MET A 253 7.22 -19.33 6.16
CA MET A 253 6.98 -17.89 6.26
C MET A 253 6.62 -17.51 7.69
N LEU A 254 5.77 -18.31 8.33
CA LEU A 254 5.34 -18.04 9.71
C LEU A 254 6.52 -17.89 10.65
N ALA A 255 7.50 -18.77 10.54
CA ALA A 255 8.63 -18.74 11.44
C ALA A 255 9.55 -17.51 11.22
N ARG A 256 9.41 -16.84 10.07
CA ARG A 256 10.30 -15.72 9.72
C ARG A 256 9.61 -14.36 9.70
N ARG A 257 8.29 -14.34 9.93
CA ARG A 257 7.46 -13.16 9.72
C ARG A 257 7.79 -12.02 10.68
N ALA A 258 7.50 -10.79 10.24
CA ALA A 258 7.55 -9.63 11.12
C ALA A 258 6.44 -9.74 12.17
N ASP A 259 6.69 -9.23 13.37
CA ASP A 259 5.61 -8.93 14.31
C ASP A 259 5.14 -7.51 14.06
N GLN A 260 3.90 -7.22 14.39
CA GLN A 260 3.36 -5.86 14.31
CA GLN A 260 3.41 -5.84 14.27
C GLN A 260 3.79 -5.08 15.53
N THR A 261 4.16 -3.82 15.33
CA THR A 261 4.50 -2.92 16.44
C THR A 261 3.51 -1.75 16.41
N HIS A 262 3.17 -1.24 17.58
CA HIS A 262 2.26 -0.11 17.70
C HIS A 262 2.92 0.98 18.52
N ARG A 263 2.79 2.23 18.08
CA ARG A 263 3.30 3.35 18.87
C ARG A 263 2.17 3.85 19.78
N ASN A 264 2.40 3.80 21.08
CA ASN A 264 1.40 4.28 22.05
C ASN A 264 1.22 5.80 21.99
N SER A 265 -0.04 6.21 21.89
CA SER A 265 -0.41 7.62 21.87
C SER A 265 0.24 8.42 23.01
N ALA A 266 0.19 7.88 24.22
CA ALA A 266 0.63 8.61 25.41
C ALA A 266 2.12 8.96 25.41
N ASP A 267 2.98 7.94 25.45
CA ASP A 267 4.41 8.16 25.66
C ASP A 267 5.27 7.98 24.40
N GLY A 268 4.61 7.77 23.25
CA GLY A 268 5.32 7.60 21.98
C GLY A 268 6.25 6.40 21.96
N ARG A 269 6.01 5.43 22.83
CA ARG A 269 6.85 4.26 22.97
C ARG A 269 6.34 3.16 22.05
N LEU A 270 7.24 2.29 21.62
CA LEU A 270 6.92 1.16 20.75
C LEU A 270 6.53 -0.05 21.59
N ARG A 271 5.42 -0.69 21.24
CA ARG A 271 5.00 -1.91 21.91
C ARG A 271 4.59 -3.00 20.93
N TYR A 272 4.73 -4.25 21.36
CA TYR A 272 4.26 -5.38 20.59
C TYR A 272 2.73 -5.28 20.38
N ASP A 273 2.27 -5.53 19.15
CA ASP A 273 0.85 -5.41 18.80
C ASP A 273 0.37 -6.81 18.46
N ASP A 274 -0.37 -7.41 19.38
CA ASP A 274 -0.87 -8.77 19.23
C ASP A 274 -2.22 -8.74 18.50
N SER A 275 -2.21 -8.42 17.21
CA SER A 275 -3.47 -8.28 16.49
C SER A 275 -3.82 -9.50 15.64
N VAL A 276 -5.13 -9.61 15.39
CA VAL A 276 -5.78 -10.79 14.82
C VAL A 276 -5.15 -11.34 13.54
N TYR A 277 -4.63 -10.44 12.71
CA TYR A 277 -4.24 -10.81 11.35
C TYR A 277 -3.08 -11.81 11.27
N PHE A 278 -2.24 -11.88 12.31
CA PHE A 278 -1.11 -12.82 12.34
C PHE A 278 -1.39 -14.20 12.96
N ARG A 279 -2.47 -14.32 13.73
CA ARG A 279 -2.82 -15.61 14.35
C ARG A 279 -4.09 -16.29 13.79
N ALA A 280 -4.61 -15.79 12.67
CA ALA A 280 -5.74 -16.43 12.00
C ALA A 280 -5.95 -15.87 10.58
N ASP A 281 -5.90 -16.75 9.59
CA ASP A 281 -6.17 -16.39 8.19
C ASP A 281 -7.64 -16.04 7.97
N GLY A 282 -8.52 -16.75 8.68
CA GLY A 282 -9.93 -16.83 8.32
C GLY A 282 -10.06 -17.87 7.21
N GLU A 283 -11.26 -18.01 6.65
CA GLU A 283 -11.46 -18.94 5.54
C GLU A 283 -11.28 -18.25 4.18
N GLU A 284 -11.80 -17.03 4.05
CA GLU A 284 -11.83 -16.35 2.76
C GLU A 284 -10.76 -15.27 2.59
N CYS A 285 -10.25 -15.17 1.37
CA CYS A 285 -9.24 -14.19 1.01
C CYS A 285 -9.89 -12.83 0.82
N PHE A 286 -9.39 -11.82 1.51
CA PHE A 286 -9.91 -10.46 1.36
C PHE A 286 -8.98 -9.64 0.48
N GLY A 287 -9.46 -9.33 -0.71
CA GLY A 287 -8.67 -8.61 -1.71
C GLY A 287 -8.31 -7.18 -1.36
N GLY A 288 -8.91 -6.64 -0.30
CA GLY A 288 -8.60 -5.29 0.13
C GLY A 288 -7.38 -5.17 1.04
N GLN A 289 -7.09 -6.19 1.85
CA GLN A 289 -6.08 -6.06 2.89
CA GLN A 289 -6.14 -6.08 2.95
C GLN A 289 -5.36 -7.36 3.30
N GLY A 290 -5.61 -8.45 2.58
CA GLY A 290 -5.25 -9.78 3.10
C GLY A 290 -3.89 -10.40 2.78
N VAL A 291 -3.05 -9.75 1.98
CA VAL A 291 -1.82 -10.40 1.52
C VAL A 291 -0.65 -10.19 2.47
N PHE A 292 0.09 -11.27 2.71
CA PHE A 292 1.41 -11.22 3.35
C PHE A 292 2.50 -11.40 2.31
N SER A 293 3.48 -10.51 2.33
CA SER A 293 4.59 -10.59 1.38
C SER A 293 5.85 -9.91 1.89
N SER A 294 6.99 -10.26 1.31
CA SER A 294 8.22 -9.56 1.61
C SER A 294 8.28 -8.26 0.81
N PRO A 295 9.06 -7.28 1.30
CA PRO A 295 9.32 -6.07 0.50
C PRO A 295 9.94 -6.43 -0.85
N GLY A 296 10.84 -7.43 -0.89
CA GLY A 296 11.46 -7.90 -2.14
C GLY A 296 10.44 -8.36 -3.17
N SER A 297 9.46 -9.14 -2.73
CA SER A 297 8.45 -9.64 -3.66
C SER A 297 7.54 -8.51 -4.15
N TYR A 298 7.19 -7.57 -3.28
CA TYR A 298 6.39 -6.41 -3.67
C TYR A 298 7.10 -5.53 -4.70
N MET A 299 8.40 -5.30 -4.51
CA MET A 299 9.19 -4.52 -5.47
C MET A 299 9.22 -5.19 -6.84
N LYS A 300 9.20 -6.51 -6.88
CA LYS A 300 9.11 -7.19 -8.18
C LYS A 300 7.84 -6.82 -8.95
N VAL A 301 6.74 -6.61 -8.23
CA VAL A 301 5.50 -6.18 -8.86
C VAL A 301 5.65 -4.77 -9.40
N LEU A 302 6.08 -3.84 -8.54
CA LEU A 302 6.26 -2.44 -8.92
C LEU A 302 7.19 -2.30 -10.12
N HIS A 303 8.31 -3.02 -10.05
CA HIS A 303 9.34 -2.95 -11.09
C HIS A 303 8.86 -3.47 -12.45
N SER A 304 8.05 -4.52 -12.42
CA SER A 304 7.48 -5.08 -13.65
C SER A 304 6.51 -4.07 -14.29
N LEU A 305 5.73 -3.39 -13.46
CA LEU A 305 4.84 -2.34 -13.95
C LEU A 305 5.63 -1.16 -14.51
N LEU A 306 6.72 -0.79 -13.85
CA LEU A 306 7.59 0.29 -14.34
C LEU A 306 8.21 -0.06 -15.70
N LYS A 307 8.68 -1.30 -15.83
CA LYS A 307 9.37 -1.76 -17.03
C LYS A 307 8.41 -1.97 -18.20
N ARG A 308 7.13 -2.15 -17.93
CA ARG A 308 6.14 -2.46 -18.96
CA ARG A 308 6.14 -2.48 -18.96
C ARG A 308 6.60 -3.73 -19.70
N ASP A 309 6.97 -4.75 -18.94
CA ASP A 309 7.56 -5.97 -19.53
C ASP A 309 6.53 -7.02 -19.93
N GLY A 310 5.24 -6.72 -19.81
CA GLY A 310 4.19 -7.66 -20.21
C GLY A 310 3.99 -8.89 -19.35
N LEU A 311 4.77 -9.05 -18.28
CA LEU A 311 4.69 -10.24 -17.42
C LEU A 311 3.39 -10.32 -16.60
N LEU A 312 2.87 -9.19 -16.15
CA LEU A 312 1.61 -9.16 -15.39
C LEU A 312 0.44 -8.65 -16.24
N LEU A 313 0.70 -7.62 -17.04
CA LEU A 313 -0.31 -6.95 -17.85
C LEU A 313 0.36 -6.41 -19.10
N GLN A 314 -0.44 -6.19 -20.15
CA GLN A 314 0.07 -5.58 -21.36
C GLN A 314 0.41 -4.11 -21.08
N PRO A 315 1.46 -3.58 -21.71
CA PRO A 315 1.85 -2.19 -21.48
C PRO A 315 0.70 -1.18 -21.56
N GLN A 316 -0.22 -1.37 -22.52
CA GLN A 316 -1.32 -0.42 -22.66
C GLN A 316 -2.32 -0.53 -21.53
N THR A 317 -2.43 -1.71 -20.92
CA THR A 317 -3.32 -1.88 -19.76
C THR A 317 -2.70 -1.21 -18.55
N VAL A 318 -1.38 -1.33 -18.42
CA VAL A 318 -0.66 -0.63 -17.37
C VAL A 318 -0.83 0.88 -17.53
N ASP A 319 -0.72 1.39 -18.75
CA ASP A 319 -0.88 2.83 -18.98
C ASP A 319 -2.24 3.31 -18.51
N LEU A 320 -3.25 2.45 -18.65
CA LEU A 320 -4.59 2.77 -18.16
C LEU A 320 -4.63 3.06 -16.65
N MET A 321 -3.83 2.34 -15.87
CA MET A 321 -3.78 2.50 -14.42
C MET A 321 -3.35 3.92 -14.02
N PHE A 322 -2.50 4.51 -14.85
CA PHE A 322 -1.93 5.84 -14.56
C PHE A 322 -2.77 7.01 -15.12
N GLN A 323 -3.88 6.73 -15.79
CA GLN A 323 -4.69 7.82 -16.36
C GLN A 323 -5.70 8.30 -15.32
N PRO A 324 -5.82 9.62 -15.13
CA PRO A 324 -6.87 10.16 -14.25
C PRO A 324 -8.26 9.61 -14.59
N ALA A 325 -8.89 8.94 -13.64
CA ALA A 325 -10.15 8.23 -13.90
C ALA A 325 -11.38 9.10 -13.61
N LEU A 326 -11.21 10.16 -12.84
CA LEU A 326 -12.33 10.92 -12.29
C LEU A 326 -12.70 12.09 -13.20
N GLU A 327 -14.01 12.33 -13.36
CA GLU A 327 -14.49 13.53 -14.03
C GLU A 327 -14.31 14.73 -13.10
N PRO A 328 -14.33 15.96 -13.65
CA PRO A 328 -14.06 17.17 -12.87
C PRO A 328 -14.75 17.24 -11.49
N ARG A 329 -16.05 17.00 -11.42
CA ARG A 329 -16.76 17.10 -10.14
C ARG A 329 -16.17 16.16 -9.07
N LEU A 330 -15.88 14.92 -9.44
CA LEU A 330 -15.30 13.97 -8.50
C LEU A 330 -13.86 14.31 -8.12
N GLU A 331 -13.05 14.68 -9.11
CA GLU A 331 -11.68 15.11 -8.87
C GLU A 331 -11.61 16.27 -7.89
N GLU A 332 -12.48 17.26 -8.09
CA GLU A 332 -12.58 18.39 -7.18
C GLU A 332 -13.00 17.98 -5.77
N GLN A 333 -14.04 17.15 -5.67
CA GLN A 333 -14.48 16.65 -4.36
C GLN A 333 -13.40 15.81 -3.64
N MET A 334 -12.67 14.98 -4.38
CA MET A 334 -11.60 14.15 -3.76
C MET A 334 -10.48 15.02 -3.20
N ASN A 335 -10.04 15.98 -4.00
CA ASN A 335 -9.01 16.92 -3.57
C ASN A 335 -9.42 17.75 -2.36
N GLN A 336 -10.66 18.27 -2.39
CA GLN A 336 -11.22 18.96 -1.23
C GLN A 336 -11.16 18.10 0.04
N HIS A 337 -11.64 16.87 -0.08
CA HIS A 337 -11.64 15.92 1.03
C HIS A 337 -10.23 15.63 1.56
N MET A 338 -9.30 15.38 0.64
CA MET A 338 -7.95 14.96 1.03
C MET A 338 -7.19 16.13 1.66
N ASP A 339 -7.28 17.30 1.05
CA ASP A 339 -6.67 18.53 1.61
C ASP A 339 -7.18 18.82 3.02
N ALA A 340 -8.47 18.59 3.26
CA ALA A 340 -9.07 18.81 4.58
C ALA A 340 -8.89 17.64 5.57
N SER A 341 -8.22 16.56 5.17
CA SER A 341 -8.10 15.37 6.00
C SER A 341 -6.66 14.94 6.26
N PRO A 342 -5.81 15.85 6.78
CA PRO A 342 -4.43 15.43 7.09
C PRO A 342 -4.37 14.43 8.25
N HIS A 343 -5.44 14.32 9.04
CA HIS A 343 -5.53 13.29 10.06
C HIS A 343 -5.69 11.89 9.49
N ILE A 344 -6.12 11.78 8.25
CA ILE A 344 -6.17 10.50 7.54
C ILE A 344 -4.91 10.37 6.67
N ASN A 345 -4.67 11.39 5.84
CA ASN A 345 -3.50 11.46 4.97
C ASN A 345 -3.28 10.25 4.04
N TYR A 346 -4.16 10.14 3.05
CA TYR A 346 -4.11 9.04 2.09
C TYR A 346 -2.79 9.05 1.31
N GLY A 347 -2.22 10.23 1.09
CA GLY A 347 -0.99 10.34 0.28
C GLY A 347 0.34 10.16 0.99
N GLY A 348 0.32 9.87 2.29
CA GLY A 348 1.55 9.59 3.05
C GLY A 348 2.57 10.72 3.03
N PRO A 349 3.77 10.49 2.46
CA PRO A 349 4.79 11.52 2.42
C PRO A 349 4.51 12.73 1.50
N MET A 350 3.53 12.61 0.60
CA MET A 350 3.21 13.70 -0.34
C MET A 350 2.81 14.99 0.37
N PRO A 351 3.00 16.15 -0.27
CA PRO A 351 2.54 17.40 0.35
C PRO A 351 1.04 17.33 0.68
N MET A 352 0.67 17.98 1.78
CA MET A 352 -0.70 17.93 2.33
C MET A 352 -1.70 18.52 1.35
N VAL A 353 -1.26 19.52 0.59
CA VAL A 353 -2.08 20.14 -0.43
C VAL A 353 -1.40 19.88 -1.77
N LEU A 354 -2.13 19.23 -2.68
CA LEU A 354 -1.59 18.81 -3.96
C LEU A 354 -2.75 18.54 -4.88
N ARG A 355 -2.61 18.84 -6.16
CA ARG A 355 -3.63 18.55 -7.15
CA ARG A 355 -3.65 18.53 -7.12
C ARG A 355 -3.49 17.06 -7.50
N ARG A 356 -4.52 16.28 -7.20
CA ARG A 356 -4.49 14.83 -7.39
C ARG A 356 -5.68 14.33 -8.21
N SER A 357 -5.56 13.10 -8.67
CA SER A 357 -6.71 12.33 -9.12
C SER A 357 -6.55 10.90 -8.63
N PHE A 358 -7.44 10.03 -9.06
CA PHE A 358 -7.32 8.60 -8.79
C PHE A 358 -7.32 7.85 -10.12
N GLY A 359 -6.41 6.89 -10.26
CA GLY A 359 -6.33 6.05 -11.45
C GLY A 359 -6.96 4.71 -11.15
N LEU A 360 -6.36 3.64 -11.65
CA LEU A 360 -6.74 2.28 -11.25
C LEU A 360 -5.56 1.72 -10.46
N GLY A 361 -5.71 1.63 -9.15
CA GLY A 361 -4.66 1.12 -8.27
C GLY A 361 -4.06 2.13 -7.32
N GLY A 362 -4.40 3.42 -7.48
CA GLY A 362 -3.85 4.44 -6.59
C GLY A 362 -4.11 5.88 -6.95
N ILE A 363 -3.57 6.76 -6.13
CA ILE A 363 -3.64 8.21 -6.32
C ILE A 363 -2.63 8.62 -7.37
N ILE A 364 -3.05 9.51 -8.27
CA ILE A 364 -2.17 10.07 -9.30
C ILE A 364 -1.89 11.53 -8.96
N ALA A 365 -0.64 11.92 -9.06
CA ALA A 365 -0.26 13.32 -8.89
C ALA A 365 -0.54 14.04 -10.20
N LEU A 366 -1.30 15.13 -10.16
CA LEU A 366 -1.63 15.90 -11.36
C LEU A 366 -0.63 17.03 -11.60
N GLU A 367 0.30 17.22 -10.66
CA GLU A 367 1.38 18.18 -10.78
C GLU A 367 2.64 17.61 -10.14
N ASP A 368 3.78 18.15 -10.51
CA ASP A 368 5.06 17.80 -9.89
C ASP A 368 5.01 18.10 -8.41
N LEU A 369 5.55 17.20 -7.58
CA LEU A 369 5.52 17.42 -6.13
C LEU A 369 6.44 18.58 -5.71
N ASP A 370 7.60 18.69 -6.35
CA ASP A 370 8.55 19.78 -6.09
C ASP A 370 9.42 20.07 -7.31
N GLY A 371 8.79 20.58 -8.37
CA GLY A 371 9.48 20.78 -9.64
C GLY A 371 10.21 19.53 -10.07
N GLU A 372 11.51 19.67 -10.32
CA GLU A 372 12.36 18.59 -10.81
C GLU A 372 13.12 17.86 -9.69
N ASN A 373 12.78 18.11 -8.43
CA ASN A 373 13.50 17.53 -7.30
C ASN A 373 12.91 16.21 -6.78
N TRP A 374 11.68 15.88 -7.14
CA TRP A 374 10.99 14.76 -6.51
C TRP A 374 9.96 14.15 -7.49
N ARG A 375 8.87 13.58 -6.99
CA ARG A 375 7.95 12.85 -7.84
C ARG A 375 7.33 13.76 -8.89
N ARG A 376 7.10 13.20 -10.07
CA ARG A 376 6.61 13.98 -11.18
C ARG A 376 5.12 13.76 -11.38
N LYS A 377 4.52 14.70 -12.09
CA LYS A 377 3.16 14.58 -12.58
C LYS A 377 3.03 13.20 -13.21
N GLY A 378 1.91 12.52 -12.96
CA GLY A 378 1.65 11.22 -13.55
C GLY A 378 2.10 10.06 -12.69
N SER A 379 2.67 10.33 -11.52
CA SER A 379 3.14 9.27 -10.64
C SER A 379 1.96 8.68 -9.87
N LEU A 380 2.03 7.38 -9.61
CA LEU A 380 0.94 6.63 -8.97
C LEU A 380 1.43 6.15 -7.63
N THR A 381 0.56 6.23 -6.62
CA THR A 381 0.97 5.91 -5.27
C THR A 381 -0.19 5.44 -4.42
N PHE A 382 0.14 4.60 -3.45
CA PHE A 382 -0.76 4.29 -2.35
C PHE A 382 0.03 3.70 -1.20
N GLY A 383 -0.63 3.00 -0.30
CA GLY A 383 0.05 2.45 0.84
C GLY A 383 -0.73 1.42 1.61
N GLY A 384 -0.16 1.06 2.75
CA GLY A 384 -0.77 0.12 3.67
C GLY A 384 -0.60 0.60 5.09
N GLY A 385 -1.59 0.28 5.92
CA GLY A 385 -1.65 0.64 7.33
C GLY A 385 -0.35 0.80 8.12
N PRO A 386 0.50 -0.22 8.12
CA PRO A 386 1.72 -0.16 8.94
C PRO A 386 2.86 0.70 8.35
N ASN A 387 2.47 1.85 7.80
CA ASN A 387 3.32 2.86 7.24
C ASN A 387 4.08 2.41 6.00
N ILE A 388 3.41 1.60 5.20
CA ILE A 388 3.97 1.13 3.94
C ILE A 388 3.58 2.14 2.89
N VAL A 389 4.54 2.59 2.09
CA VAL A 389 4.26 3.50 0.98
C VAL A 389 4.94 3.01 -0.28
N TRP A 390 4.20 2.95 -1.37
CA TRP A 390 4.78 2.61 -2.68
C TRP A 390 4.44 3.72 -3.66
N GLN A 391 5.30 3.90 -4.65
CA GLN A 391 5.00 4.79 -5.76
C GLN A 391 5.72 4.36 -7.02
N ILE A 392 5.11 4.62 -8.18
CA ILE A 392 5.70 4.38 -9.48
C ILE A 392 5.63 5.70 -10.25
N ASP A 393 6.77 6.15 -10.75
CA ASP A 393 6.89 7.45 -11.39
C ASP A 393 7.44 7.25 -12.82
N PRO A 394 6.55 7.00 -13.80
CA PRO A 394 6.97 6.74 -15.18
C PRO A 394 7.81 7.85 -15.81
N LYS A 395 7.40 9.10 -15.64
CA LYS A 395 8.17 10.22 -16.19
C LYS A 395 9.59 10.28 -15.59
N ALA A 396 9.74 10.02 -14.29
CA ALA A 396 11.08 10.05 -13.69
C ALA A 396 11.85 8.76 -13.95
N GLY A 397 11.17 7.68 -14.31
CA GLY A 397 11.83 6.40 -14.54
C GLY A 397 12.23 5.67 -13.26
N LEU A 398 11.48 5.90 -12.19
CA LEU A 398 11.78 5.32 -10.87
C LEU A 398 10.54 4.70 -10.26
N CYS A 399 10.75 3.63 -9.48
CA CYS A 399 9.75 3.20 -8.51
C CYS A 399 10.42 3.00 -7.14
N THR A 400 9.67 3.24 -6.08
CA THR A 400 10.20 3.16 -4.72
C THR A 400 9.20 2.59 -3.74
N LEU A 401 9.74 2.01 -2.68
CA LEU A 401 8.91 1.48 -1.63
CA LEU A 401 8.96 1.37 -1.65
C LEU A 401 9.62 1.64 -0.29
N ALA A 402 8.82 2.00 0.70
CA ALA A 402 9.27 2.13 2.07
C ALA A 402 8.34 1.26 2.89
N PHE A 403 8.93 0.26 3.53
CA PHE A 403 8.19 -0.76 4.23
C PHE A 403 8.55 -0.66 5.69
N PHE A 404 7.55 -0.40 6.51
CA PHE A 404 7.66 -0.50 7.93
C PHE A 404 6.61 -1.54 8.36
N GLN A 405 6.64 -1.91 9.63
CA GLN A 405 5.60 -2.73 10.24
C GLN A 405 5.22 -2.08 11.56
N LEU A 406 4.73 -0.85 11.44
CA LEU A 406 4.46 0.00 12.60
C LEU A 406 3.11 0.68 12.38
N GLU A 407 2.18 0.50 13.33
CA GLU A 407 0.94 1.26 13.38
C GLU A 407 1.04 2.33 14.46
N PRO A 408 0.22 3.39 14.38
CA PRO A 408 -0.76 3.63 13.36
C PRO A 408 -0.17 4.23 12.09
N TRP A 409 -0.94 4.14 11.01
CA TRP A 409 -0.67 4.86 9.76
C TRP A 409 -0.37 6.35 10.00
N ASN A 410 0.42 6.95 9.12
CA ASN A 410 0.71 8.40 9.14
C ASN A 410 1.54 8.78 10.36
N ASP A 411 2.41 7.87 10.80
CA ASP A 411 3.29 8.15 11.92
C ASP A 411 4.30 9.21 11.48
N PRO A 412 4.41 10.34 12.21
CA PRO A 412 5.33 11.38 11.76
C PRO A 412 6.79 10.94 11.52
N VAL A 413 7.33 10.11 12.40
CA VAL A 413 8.73 9.67 12.24
C VAL A 413 8.87 8.85 10.94
N CYS A 414 7.94 7.94 10.68
CA CYS A 414 8.01 7.12 9.46
C CYS A 414 7.81 7.96 8.21
N ARG A 415 6.83 8.85 8.22
CA ARG A 415 6.58 9.73 7.08
CA ARG A 415 6.57 9.75 7.10
C ARG A 415 7.81 10.57 6.78
N ASP A 416 8.42 11.16 7.81
CA ASP A 416 9.61 11.98 7.62
C ASP A 416 10.79 11.19 7.06
N LEU A 417 11.03 9.99 7.60
CA LEU A 417 12.06 9.10 7.04
C LEU A 417 11.77 8.71 5.60
N THR A 418 10.51 8.40 5.29
CA THR A 418 10.12 8.06 3.93
C THR A 418 10.40 9.19 2.95
N ARG A 419 10.04 10.42 3.33
CA ARG A 419 10.30 11.59 2.52
C ARG A 419 11.79 11.77 2.28
N THR A 420 12.59 11.62 3.34
CA THR A 420 14.04 11.74 3.26
C THR A 420 14.66 10.72 2.32
N PHE A 421 14.20 9.48 2.42
CA PHE A 421 14.57 8.40 1.51
C PHE A 421 14.27 8.77 0.05
N GLU A 422 13.02 9.12 -0.25
CA GLU A 422 12.66 9.46 -1.64
C GLU A 422 13.42 10.66 -2.17
N HIS A 423 13.54 11.72 -1.36
CA HIS A 423 14.27 12.91 -1.76
C HIS A 423 15.70 12.60 -2.15
N ALA A 424 16.38 11.80 -1.31
CA ALA A 424 17.78 11.42 -1.53
C ALA A 424 17.98 10.60 -2.82
N ILE A 425 17.11 9.61 -3.02
CA ILE A 425 17.21 8.77 -4.22
C ILE A 425 16.97 9.59 -5.48
N TYR A 426 15.94 10.43 -5.45
CA TYR A 426 15.69 11.33 -6.56
C TYR A 426 16.88 12.25 -6.80
N ALA A 427 17.42 12.84 -5.73
CA ALA A 427 18.51 13.80 -5.88
C ALA A 427 19.73 13.14 -6.51
N GLN A 428 20.02 11.90 -6.11
CA GLN A 428 21.25 11.24 -6.60
C GLN A 428 21.06 10.44 -7.89
N TYR A 429 19.87 9.91 -8.12
CA TYR A 429 19.70 8.88 -9.15
C TYR A 429 18.58 9.10 -10.16
N GLN A 430 17.75 10.11 -9.97
CA GLN A 430 16.69 10.34 -10.94
C GLN A 430 17.30 10.79 -12.25
N GLN A 431 16.82 10.23 -13.35
CA GLN A 431 17.34 10.65 -14.65
C GLN A 431 16.29 11.41 -15.44
O16 MJA B . -9.42 -1.64 10.46
C15 MJA B . -9.16 -1.25 11.62
O15 MJA B . -9.85 -1.59 12.61
C14 MJA B . -7.99 -0.34 11.86
C13 MJA B . -7.30 0.08 10.56
O13 MJA B . -6.97 -1.06 9.76
C12 MJA B . -6.02 0.84 10.93
C11 MJA B . -5.18 1.20 9.70
O11 MJA B . -3.94 1.78 10.15
C10 MJA B . -5.97 2.18 8.83
C9 MJA B . -5.08 2.82 7.78
C1 MJA B . -5.87 3.55 6.69
C8A MJA B . -4.91 4.12 5.66
C2 MJA B . -6.78 4.64 7.28
C2M MJA B . -6.05 5.62 8.19
C3 MJA B . -7.50 5.41 6.19
C4 MJA B . -6.99 5.51 4.97
C4A MJA B . -5.69 4.88 4.64
C5 MJA B . -5.19 5.05 3.41
C6 MJA B . -3.76 4.70 3.06
C6M MJA B . -3.69 4.33 1.60
C7 MJA B . -3.16 3.59 3.91
C8 MJA B . -4.09 3.02 4.96
O8 MJA B . -4.94 2.05 4.35
S1 DTT C . 0.30 15.74 4.86
C1 DTT C . -0.58 15.76 6.45
C2 DTT C . 0.20 15.07 7.57
O2 DTT C . -0.69 14.42 8.46
C3 DTT C . 1.08 16.01 8.40
O3 DTT C . 0.32 17.13 8.83
C4 DTT C . 2.31 16.46 7.60
S4 DTT C . 3.07 17.98 8.22
#